data_2YK1
#
_entry.id   2YK1
#
_cell.length_a   76.110
_cell.length_b   78.870
_cell.length_c   75.470
_cell.angle_alpha   90.00
_cell.angle_beta   116.55
_cell.angle_gamma   90.00
#
_symmetry.space_group_name_H-M   'C 1 2 1'
#
loop_
_entity.id
_entity.type
_entity.pdbx_description
1 polymer 'FAB FRAGMENT, HEAVY CHAIN'
2 polymer 'FAB FRAGMENT, LIGHT CHAIN'
3 non-polymer (S)-3-(1-METHYLPYRROLIDIN-2-YL)PYRIDINE
4 water water
#
loop_
_entity_poly.entity_id
_entity_poly.type
_entity_poly.pdbx_seq_one_letter_code
_entity_poly.pdbx_strand_id
1 'polypeptide(L)'
;QMQLLESGPGLVKPSETLSLTCTVSGGSIWGWIRQPPGKGLEWIGSIYSSGSTYYNPSLKSRVTTSVDTSKNQFSLRLSS
VTAADTAVYYCVAWFGDLLSLKGVELWGQGTLVTVSSASTKGPSVFPLAPCSRSTSESTAALGCLVKDYFPEPVTVSWNS
GALTSGVHTFPAVLQSSGLYSLSSVVTVPSSNFGTQTYTCNVDHKPSNTKV
;
H
2 'polypeptide(L)'
;QSELTQPPSASGTPGQRVTISCSGSSSNIGSNYVYWYQQLPGTAPKLLIYRNNQRPSGVPDRFSGSKSGTSASLAISGLR
SEDEADYYCAAWDDSLSAWVFGGGTQLDILGQPKAAPSVTLFPPSSEELQAPKATLVCLISDFYPGAVTVAWKADSSPVK
AGVETTTPSKQSNNKYAASSYLSLTPEQWKSHRSYSCQVTHEGSTVEKTVAPTECS
;
L
#
# COMPACT_ATOMS: atom_id res chain seq x y z
N GLN A 3 -5.10 -11.52 9.67
CA GLN A 3 -5.72 -10.30 9.03
C GLN A 3 -7.24 -10.32 9.18
N LEU A 4 -7.82 -9.13 9.28
CA LEU A 4 -9.27 -8.98 9.37
C LEU A 4 -9.86 -8.90 7.97
N LEU A 5 -11.05 -9.48 7.78
CA LEU A 5 -11.76 -9.41 6.51
C LEU A 5 -12.43 -8.06 6.35
N GLU A 6 -11.91 -7.26 5.44
CA GLU A 6 -12.42 -5.93 5.16
C GLU A 6 -13.20 -5.92 3.85
N SER A 7 -14.37 -5.28 3.84
CA SER A 7 -15.25 -5.24 2.66
C SER A 7 -15.91 -3.88 2.44
N GLY A 8 -16.33 -3.64 1.20
CA GLY A 8 -17.05 -2.41 0.84
C GLY A 8 -16.61 -1.94 -0.53
N PRO A 9 -17.41 -1.08 -1.17
CA PRO A 9 -17.15 -0.69 -2.56
C PRO A 9 -15.82 0.05 -2.72
N GLY A 10 -15.17 -0.15 -3.87
CA GLY A 10 -13.91 0.53 -4.17
C GLY A 10 -14.10 1.84 -4.93
N LEU A 11 -15.34 2.19 -5.20
CA LEU A 11 -15.68 3.41 -5.94
C LEU A 11 -16.85 4.14 -5.29
N VAL A 12 -16.67 5.43 -5.06
CA VAL A 12 -17.69 6.28 -4.45
C VAL A 12 -17.75 7.62 -5.20
N LYS A 13 -18.97 8.08 -5.47
CA LYS A 13 -19.13 9.33 -6.18
C LYS A 13 -18.95 10.53 -5.24
N PRO A 14 -18.37 11.64 -5.73
CA PRO A 14 -18.28 12.81 -4.87
C PRO A 14 -19.64 13.17 -4.30
N SER A 15 -19.64 13.59 -3.03
CA SER A 15 -20.82 14.00 -2.28
C SER A 15 -21.60 12.84 -1.66
N GLU A 16 -21.28 11.60 -2.05
CA GLU A 16 -21.97 10.42 -1.51
C GLU A 16 -21.20 9.82 -0.31
N THR A 17 -21.70 8.71 0.24
CA THR A 17 -21.13 8.18 1.48
C THR A 17 -20.28 6.93 1.22
N LEU A 18 -19.05 6.94 1.73
CA LEU A 18 -18.18 5.76 1.74
C LEU A 18 -18.58 4.85 2.92
N SER A 19 -18.74 3.55 2.65
CA SER A 19 -19.08 2.56 3.70
C SER A 19 -18.15 1.35 3.64
N LEU A 20 -17.56 1.00 4.78
CA LEU A 20 -16.67 -0.17 4.89
C LEU A 20 -17.01 -0.96 6.15
N THR A 21 -16.77 -2.27 6.11
CA THR A 21 -17.03 -3.15 7.28
C THR A 21 -15.86 -4.12 7.46
N CYS A 22 -15.59 -4.48 8.71
CA CYS A 22 -14.64 -5.55 9.01
C CYS A 22 -15.23 -6.57 9.97
N THR A 23 -14.78 -7.81 9.86
CA THR A 23 -15.21 -8.86 10.78
C THR A 23 -14.13 -9.02 11.85
N VAL A 24 -14.54 -9.21 13.09
CA VAL A 24 -13.63 -9.32 14.22
C VAL A 24 -14.35 -10.03 15.37
N SER A 25 -13.66 -10.89 16.11
CA SER A 25 -14.24 -11.47 17.31
C SER A 25 -13.57 -10.85 18.54
N GLY A 26 -14.33 -10.06 19.29
CA GLY A 26 -13.80 -9.42 20.49
C GLY A 26 -12.97 -8.17 20.23
N GLY A 27 -12.04 -7.88 21.14
CA GLY A 27 -11.20 -6.69 21.05
C GLY A 27 -11.54 -5.65 22.10
N SER A 28 -10.76 -4.58 22.12
CA SER A 28 -10.84 -3.54 23.17
C SER A 28 -11.03 -2.16 22.59
N ILE A 29 -10.52 -1.98 21.37
CA ILE A 29 -10.59 -0.73 20.61
C ILE A 29 -10.71 -1.11 19.14
N TRP A 30 -11.66 -0.49 18.45
CA TRP A 30 -11.84 -0.74 17.03
C TRP A 30 -11.72 0.58 16.30
N GLY A 31 -10.98 0.61 15.22
CA GLY A 31 -10.70 1.89 14.60
C GLY A 31 -10.36 1.82 13.14
N TRP A 32 -10.24 3.00 12.54
CA TRP A 32 -9.97 3.11 11.12
C TRP A 32 -8.84 4.08 10.87
N ILE A 33 -8.01 3.71 9.91
CA ILE A 33 -6.84 4.47 9.50
C ILE A 33 -6.81 4.46 7.97
N ARG A 34 -6.38 5.57 7.36
CA ARG A 34 -6.26 5.60 5.91
C ARG A 34 -4.93 6.13 5.43
N GLN A 35 -4.67 5.88 4.15
CA GLN A 35 -3.40 6.21 3.57
C GLN A 35 -3.64 6.60 2.12
N PRO A 36 -3.67 7.92 1.85
CA PRO A 36 -3.74 8.40 0.45
C PRO A 36 -2.53 7.88 -0.33
N PRO A 37 -2.66 7.73 -1.66
CA PRO A 37 -1.57 7.28 -2.51
C PRO A 37 -0.31 8.10 -2.29
N GLY A 38 0.80 7.42 -2.02
CA GLY A 38 2.09 8.06 -1.76
C GLY A 38 2.24 8.86 -0.47
N LYS A 39 1.31 8.71 0.47
CA LYS A 39 1.37 9.47 1.72
C LYS A 39 1.44 8.57 2.98
N GLY A 40 1.50 9.20 4.16
CA GLY A 40 1.59 8.49 5.42
C GLY A 40 0.26 7.99 5.96
N LEU A 41 0.30 7.42 7.14
CA LEU A 41 -0.89 6.87 7.77
C LEU A 41 -1.66 7.96 8.49
N GLU A 42 -2.96 8.02 8.28
CA GLU A 42 -3.81 9.06 8.90
C GLU A 42 -4.91 8.37 9.72
N TRP A 43 -5.00 8.72 10.99
CA TRP A 43 -6.03 8.18 11.87
C TRP A 43 -7.40 8.80 11.60
N ILE A 44 -8.42 7.95 11.50
CA ILE A 44 -9.78 8.44 11.21
C ILE A 44 -10.62 8.52 12.49
N GLY A 45 -10.59 7.45 13.27
CA GLY A 45 -11.43 7.35 14.46
C GLY A 45 -11.29 6.01 15.17
N SER A 46 -11.66 6.01 16.45
CA SER A 46 -11.59 4.82 17.31
C SER A 46 -12.81 4.77 18.22
N ILE A 47 -13.30 3.56 18.43
CA ILE A 47 -14.31 3.29 19.44
C ILE A 47 -13.76 2.25 20.44
N TYR A 48 -13.97 2.52 21.72
CA TYR A 48 -13.44 1.72 22.81
C TYR A 48 -14.54 0.83 23.31
N SER A 49 -14.17 -0.22 24.05
CA SER A 49 -15.18 -1.13 24.61
C SER A 49 -16.15 -0.41 25.58
N SER A 50 -15.73 0.72 26.14
CA SER A 50 -16.58 1.60 26.96
C SER A 50 -17.68 2.26 26.16
N GLY A 51 -17.53 2.27 24.84
CA GLY A 51 -18.39 3.07 23.99
C GLY A 51 -17.76 4.41 23.64
N SER A 52 -16.76 4.84 24.42
CA SER A 52 -16.07 6.10 24.13
C SER A 52 -15.54 6.10 22.71
N THR A 53 -15.76 7.21 22.03
CA THR A 53 -15.55 7.34 20.60
C THR A 53 -14.81 8.66 20.33
N TYR A 54 -13.85 8.60 19.41
CA TYR A 54 -12.98 9.74 19.12
C TYR A 54 -12.73 9.80 17.64
N TYR A 55 -12.81 11.00 17.07
CA TYR A 55 -12.59 11.19 15.64
C TYR A 55 -11.49 12.21 15.34
N ASN A 56 -10.84 12.05 14.20
CA ASN A 56 -9.94 13.08 13.67
C ASN A 56 -10.74 14.36 13.41
N PRO A 57 -10.41 15.48 14.09
CA PRO A 57 -11.22 16.70 13.96
C PRO A 57 -11.28 17.30 12.55
N SER A 58 -10.30 17.01 11.70
CA SER A 58 -10.30 17.49 10.31
C SER A 58 -11.39 16.84 9.43
N LEU A 59 -11.92 15.71 9.86
CA LEU A 59 -12.99 15.03 9.12
C LEU A 59 -14.35 15.53 9.62
N LYS A 60 -14.36 16.79 10.03
CA LYS A 60 -15.43 17.44 10.79
C LYS A 60 -16.63 16.57 11.21
N SER A 61 -17.81 16.80 10.65
CA SER A 61 -18.93 16.03 11.13
C SER A 61 -19.27 14.86 10.19
N ARG A 62 -18.26 14.33 9.51
CA ARG A 62 -18.51 13.40 8.39
C ARG A 62 -18.30 11.91 8.72
N VAL A 63 -17.66 11.61 9.85
CA VAL A 63 -17.35 10.23 10.24
C VAL A 63 -18.39 9.64 11.19
N THR A 64 -18.78 8.41 10.90
CA THR A 64 -19.57 7.60 11.82
C THR A 64 -18.92 6.23 11.87
N THR A 65 -18.53 5.81 13.08
CA THR A 65 -18.03 4.46 13.29
C THR A 65 -18.94 3.72 14.26
N SER A 66 -19.04 2.41 14.10
CA SER A 66 -19.89 1.60 14.96
C SER A 66 -19.26 0.22 15.16
N VAL A 67 -19.70 -0.48 16.19
CA VAL A 67 -19.25 -1.86 16.46
C VAL A 67 -20.47 -2.68 16.89
N ASP A 68 -20.61 -3.85 16.27
CA ASP A 68 -21.62 -4.83 16.66
C ASP A 68 -20.91 -6.13 17.06
N THR A 69 -20.46 -6.19 18.30
CA THR A 69 -19.70 -7.37 18.79
C THR A 69 -20.49 -8.67 18.68
N SER A 70 -21.79 -8.60 18.96
CA SER A 70 -22.67 -9.76 18.85
C SER A 70 -22.77 -10.35 17.42
N LYS A 71 -22.50 -9.53 16.40
CA LYS A 71 -22.41 -10.04 15.02
C LYS A 71 -20.96 -10.02 14.49
N ASN A 72 -20.00 -9.85 15.40
CA ASN A 72 -18.57 -9.93 15.06
C ASN A 72 -18.17 -8.95 13.94
N GLN A 73 -18.69 -7.73 13.99
CA GLN A 73 -18.29 -6.73 13.01
C GLN A 73 -18.14 -5.30 13.53
N PHE A 74 -17.38 -4.50 12.79
CA PHE A 74 -17.33 -3.07 13.02
C PHE A 74 -17.25 -2.32 11.68
N SER A 75 -17.70 -1.08 11.68
CA SER A 75 -18.01 -0.39 10.44
C SER A 75 -17.66 1.08 10.44
N LEU A 76 -17.37 1.60 9.25
CA LEU A 76 -17.08 3.01 9.01
C LEU A 76 -17.98 3.57 7.93
N ARG A 77 -18.53 4.75 8.20
CA ARG A 77 -19.22 5.58 7.22
C ARG A 77 -18.58 6.96 7.18
N LEU A 78 -18.23 7.41 5.97
CA LEU A 78 -17.68 8.75 5.78
C LEU A 78 -18.55 9.46 4.73
N SER A 79 -19.33 10.43 5.17
CA SER A 79 -20.28 11.10 4.27
C SER A 79 -19.63 12.20 3.41
N SER A 80 -20.38 12.74 2.45
CA SER A 80 -19.99 13.91 1.65
C SER A 80 -18.56 13.89 1.12
N VAL A 81 -18.17 12.77 0.54
CA VAL A 81 -16.77 12.61 0.19
C VAL A 81 -16.39 13.47 -1.00
N THR A 82 -15.10 13.81 -1.06
CA THR A 82 -14.54 14.47 -2.24
C THR A 82 -13.27 13.71 -2.60
N ALA A 83 -12.60 14.14 -3.67
CA ALA A 83 -11.33 13.56 -4.10
C ALA A 83 -10.31 13.44 -2.98
N ALA A 84 -10.38 14.33 -1.99
CA ALA A 84 -9.43 14.30 -0.86
C ALA A 84 -9.55 13.04 0.00
N ASP A 85 -10.65 12.31 -0.16
CA ASP A 85 -10.90 11.11 0.64
C ASP A 85 -10.46 9.81 -0.06
N THR A 86 -9.92 9.94 -1.27
CA THR A 86 -9.34 8.79 -1.96
C THR A 86 -8.13 8.30 -1.18
N ALA A 87 -8.14 7.01 -0.82
CA ALA A 87 -7.10 6.40 0.03
C ALA A 87 -7.29 4.90 0.12
N VAL A 88 -6.23 4.21 0.58
CA VAL A 88 -6.42 2.86 1.07
C VAL A 88 -6.86 3.01 2.52
N TYR A 89 -7.99 2.41 2.85
CA TYR A 89 -8.56 2.43 4.21
C TYR A 89 -8.32 1.11 4.89
N TYR A 90 -7.90 1.17 6.16
CA TYR A 90 -7.68 0.00 7.00
C TYR A 90 -8.56 0.05 8.25
N CYS A 91 -9.15 -1.09 8.57
CA CYS A 91 -9.70 -1.28 9.92
C CYS A 91 -8.64 -1.93 10.82
N VAL A 92 -8.69 -1.60 12.10
CA VAL A 92 -7.69 -2.04 13.10
C VAL A 92 -8.45 -2.44 14.37
N ALA A 93 -8.06 -3.55 15.00
CA ALA A 93 -8.65 -3.98 16.26
C ALA A 93 -7.56 -4.30 17.27
N TRP A 94 -7.58 -3.57 18.38
CA TRP A 94 -6.59 -3.78 19.44
C TRP A 94 -7.13 -4.78 20.45
N PHE A 95 -6.33 -5.83 20.70
CA PHE A 95 -6.63 -6.82 21.73
C PHE A 95 -5.70 -6.65 22.94
N GLY A 96 -4.41 -6.48 22.67
CA GLY A 96 -3.41 -6.40 23.73
C GLY A 96 -2.93 -7.76 24.16
N ASP A 97 -2.42 -7.84 25.40
CA ASP A 97 -1.97 -9.08 26.00
C ASP A 97 -3.18 -9.95 26.30
N LEU A 98 -3.25 -11.08 25.62
CA LEU A 98 -4.45 -11.90 25.65
C LEU A 98 -4.31 -13.09 26.58
N LEU A 99 -4.02 -14.26 26.01
CA LEU A 99 -3.77 -15.45 26.81
C LEU A 99 -2.28 -15.53 27.13
N SER A 100 -1.54 -16.36 26.40
CA SER A 100 -0.08 -16.30 26.40
C SER A 100 0.36 -15.26 25.38
N LEU A 101 -0.53 -14.93 24.44
CA LEU A 101 -0.22 -13.98 23.37
C LEU A 101 -0.11 -12.55 23.88
N LYS A 102 0.78 -11.78 23.28
CA LYS A 102 1.08 -10.43 23.75
C LYS A 102 0.97 -9.39 22.64
N GLY A 103 0.43 -8.22 22.98
CA GLY A 103 0.40 -7.08 22.06
C GLY A 103 -0.31 -7.36 20.75
N VAL A 104 -1.42 -8.08 20.83
CA VAL A 104 -2.17 -8.45 19.63
C VAL A 104 -2.96 -7.27 19.03
N GLU A 105 -2.67 -6.97 17.76
CA GLU A 105 -3.42 -5.96 17.01
C GLU A 105 -3.60 -6.50 15.61
N LEU A 106 -4.86 -6.56 15.18
CA LEU A 106 -5.19 -7.09 13.89
C LEU A 106 -5.62 -5.98 12.93
N TRP A 107 -5.16 -6.09 11.69
CA TRP A 107 -5.46 -5.11 10.66
C TRP A 107 -6.23 -5.74 9.53
N GLY A 108 -7.19 -5.00 8.98
CA GLY A 108 -7.83 -5.40 7.72
C GLY A 108 -6.80 -5.36 6.60
N GLN A 109 -7.09 -6.04 5.49
CA GLN A 109 -6.11 -6.13 4.40
C GLN A 109 -5.88 -4.78 3.71
N GLY A 110 -6.83 -3.87 3.84
CA GLY A 110 -6.76 -2.57 3.17
C GLY A 110 -7.66 -2.59 1.95
N THR A 111 -8.51 -1.58 1.82
CA THR A 111 -9.41 -1.45 0.67
C THR A 111 -9.21 -0.08 0.04
N LEU A 112 -8.78 -0.05 -1.21
CA LEU A 112 -8.67 1.18 -1.96
C LEU A 112 -10.07 1.70 -2.28
N VAL A 113 -10.32 2.93 -1.87
CA VAL A 113 -11.53 3.63 -2.26
C VAL A 113 -11.13 4.83 -3.07
N THR A 114 -11.64 4.87 -4.30
CA THR A 114 -11.41 5.97 -5.21
C THR A 114 -12.70 6.79 -5.28
N VAL A 115 -12.58 8.08 -4.98
CA VAL A 115 -13.69 9.01 -5.10
C VAL A 115 -13.66 9.65 -6.48
N SER A 116 -14.69 9.38 -7.27
CA SER A 116 -14.71 9.81 -8.67
C SER A 116 -16.12 9.71 -9.21
N SER A 117 -16.46 10.64 -10.10
CA SER A 117 -17.76 10.64 -10.77
C SER A 117 -17.73 9.82 -12.08
N ALA A 118 -16.58 9.24 -12.43
CA ALA A 118 -16.48 8.41 -13.63
C ALA A 118 -17.06 7.02 -13.37
N SER A 119 -17.56 6.40 -14.43
CA SER A 119 -18.23 5.12 -14.31
C SER A 119 -17.21 4.00 -14.21
N THR A 120 -17.64 2.90 -13.59
CA THR A 120 -16.82 1.69 -13.59
CA THR A 120 -16.87 1.65 -13.59
C THR A 120 -16.73 1.15 -15.02
N LYS A 121 -15.59 0.57 -15.35
CA LYS A 121 -15.42 0.00 -16.69
C LYS A 121 -14.59 -1.24 -16.55
N GLY A 122 -15.17 -2.37 -16.96
CA GLY A 122 -14.47 -3.64 -16.99
C GLY A 122 -13.37 -3.67 -18.03
N PRO A 123 -12.29 -4.44 -17.77
CA PRO A 123 -11.14 -4.50 -18.66
C PRO A 123 -11.34 -5.46 -19.83
N SER A 124 -10.63 -5.18 -20.93
CA SER A 124 -10.58 -6.08 -22.07
C SER A 124 -9.27 -6.85 -21.97
N VAL A 125 -9.33 -8.17 -21.99
CA VAL A 125 -8.14 -9.00 -21.77
C VAL A 125 -7.65 -9.64 -23.07
N PHE A 126 -6.37 -9.40 -23.38
CA PHE A 126 -5.75 -9.91 -24.61
C PHE A 126 -4.51 -10.73 -24.29
N PRO A 127 -4.25 -11.77 -25.11
CA PRO A 127 -3.07 -12.60 -24.90
C PRO A 127 -1.76 -11.91 -25.27
N LEU A 128 -0.74 -12.11 -24.44
CA LEU A 128 0.62 -11.69 -24.77
C LEU A 128 1.45 -12.93 -25.14
N ALA A 129 2.08 -12.90 -26.32
CA ALA A 129 2.95 -13.98 -26.78
C ALA A 129 3.99 -13.52 -27.79
N LEU A 142 5.37 -15.38 -21.81
CA LEU A 142 4.01 -15.08 -22.25
C LEU A 142 3.16 -14.45 -21.14
N GLY A 143 1.99 -13.94 -21.48
CA GLY A 143 1.16 -13.26 -20.49
C GLY A 143 -0.20 -12.78 -20.97
N CYS A 144 -0.79 -11.86 -20.22
CA CYS A 144 -2.08 -11.26 -20.55
C CYS A 144 -2.02 -9.75 -20.42
N LEU A 145 -2.76 -9.05 -21.28
CA LEU A 145 -2.92 -7.60 -21.22
C LEU A 145 -4.31 -7.25 -20.74
N VAL A 146 -4.37 -6.44 -19.69
CA VAL A 146 -5.61 -6.06 -19.07
C VAL A 146 -5.78 -4.55 -19.27
N LYS A 147 -6.54 -4.17 -20.29
CA LYS A 147 -6.56 -2.75 -20.65
C LYS A 147 -7.92 -2.05 -20.56
N ASP A 148 -7.83 -0.74 -20.34
CA ASP A 148 -8.96 0.18 -20.33
C ASP A 148 -10.00 -0.18 -19.26
N TYR A 149 -9.54 -0.24 -18.01
CA TYR A 149 -10.45 -0.40 -16.88
C TYR A 149 -10.45 0.80 -15.91
N PHE A 150 -11.48 0.85 -15.07
CA PHE A 150 -11.62 1.89 -14.03
C PHE A 150 -12.65 1.40 -13.01
N PRO A 151 -12.38 1.58 -11.71
CA PRO A 151 -11.14 2.12 -11.13
C PRO A 151 -10.16 0.98 -10.84
N GLU A 152 -9.07 1.25 -10.12
CA GLU A 152 -8.23 0.17 -9.58
C GLU A 152 -8.97 -0.58 -8.45
N PRO A 153 -8.54 -1.81 -8.11
CA PRO A 153 -7.48 -2.57 -8.76
C PRO A 153 -8.01 -3.74 -9.57
N VAL A 154 -7.11 -4.36 -10.32
CA VAL A 154 -7.34 -5.68 -10.90
CA VAL A 154 -7.37 -5.69 -10.85
C VAL A 154 -6.39 -6.68 -10.24
N THR A 155 -6.84 -7.92 -10.07
CA THR A 155 -5.96 -8.98 -9.60
C THR A 155 -5.86 -10.04 -10.68
N VAL A 156 -4.67 -10.59 -10.87
CA VAL A 156 -4.42 -11.58 -11.91
C VAL A 156 -3.79 -12.84 -11.32
N SER A 157 -4.45 -13.98 -11.51
CA SER A 157 -3.90 -15.27 -11.11
C SER A 157 -3.79 -16.15 -12.35
N TRP A 158 -3.02 -17.22 -12.24
CA TRP A 158 -2.87 -18.17 -13.34
C TRP A 158 -3.21 -19.58 -12.86
N ASN A 159 -4.15 -20.22 -13.58
CA ASN A 159 -4.63 -21.57 -13.30
C ASN A 159 -5.14 -21.80 -11.88
N LEU A 163 -0.08 -22.46 -10.58
CA LEU A 163 1.05 -21.66 -11.07
C LEU A 163 1.22 -20.37 -10.26
N THR A 164 2.32 -20.27 -9.53
CA THR A 164 2.66 -19.07 -8.76
C THR A 164 4.08 -18.56 -9.03
N SER A 165 4.91 -19.44 -9.61
CA SER A 165 6.31 -19.15 -9.89
C SER A 165 6.53 -18.48 -11.24
N GLY A 166 7.42 -17.50 -11.26
CA GLY A 166 7.75 -16.77 -12.48
C GLY A 166 6.68 -15.79 -12.92
N VAL A 167 5.63 -15.65 -12.10
CA VAL A 167 4.52 -14.72 -12.38
C VAL A 167 4.91 -13.31 -11.93
N HIS A 168 4.87 -12.37 -12.86
CA HIS A 168 5.12 -10.97 -12.54
C HIS A 168 3.96 -10.11 -13.06
N THR A 169 3.20 -9.55 -12.14
CA THR A 169 2.12 -8.61 -12.46
C THR A 169 2.62 -7.20 -12.20
N PHE A 170 2.51 -6.35 -13.23
CA PHE A 170 3.09 -5.02 -13.20
C PHE A 170 2.07 -3.98 -12.74
N PRO A 171 2.53 -2.91 -12.08
CA PRO A 171 1.59 -1.83 -11.70
C PRO A 171 0.97 -1.22 -12.95
N ALA A 172 -0.26 -0.74 -12.81
CA ALA A 172 -1.03 -0.25 -13.94
C ALA A 172 -0.52 1.09 -14.44
N VAL A 173 -0.67 1.32 -15.74
CA VAL A 173 -0.49 2.66 -16.29
C VAL A 173 -1.84 3.37 -16.32
N LEU A 174 -1.84 4.67 -15.99
CA LEU A 174 -3.01 5.51 -16.21
C LEU A 174 -2.83 6.24 -17.54
N GLN A 175 -3.67 5.91 -18.51
CA GLN A 175 -3.59 6.51 -19.83
C GLN A 175 -4.40 7.80 -19.85
N SER A 176 -4.21 8.58 -20.92
CA SER A 176 -4.82 9.91 -21.07
C SER A 176 -6.34 9.85 -21.19
N SER A 177 -6.87 8.67 -21.51
CA SER A 177 -8.30 8.41 -21.47
C SER A 177 -8.88 8.46 -20.06
N GLY A 178 -7.99 8.41 -19.05
CA GLY A 178 -8.44 8.30 -17.65
C GLY A 178 -8.70 6.85 -17.26
N LEU A 179 -8.32 5.95 -18.14
CA LEU A 179 -8.49 4.52 -17.88
C LEU A 179 -7.13 3.89 -17.66
N TYR A 180 -7.13 2.80 -16.88
CA TYR A 180 -5.93 2.09 -16.50
C TYR A 180 -5.67 0.91 -17.43
N SER A 181 -4.41 0.49 -17.53
CA SER A 181 -4.04 -0.77 -18.16
C SER A 181 -2.88 -1.39 -17.38
N LEU A 182 -2.86 -2.72 -17.29
CA LEU A 182 -1.71 -3.46 -16.75
C LEU A 182 -1.47 -4.77 -17.50
N SER A 183 -0.30 -5.36 -17.29
CA SER A 183 0.03 -6.67 -17.85
C SER A 183 0.59 -7.59 -16.78
N SER A 184 0.29 -8.89 -16.93
CA SER A 184 0.87 -9.93 -16.08
C SER A 184 1.58 -10.93 -16.98
N VAL A 185 2.80 -11.28 -16.61
CA VAL A 185 3.66 -12.17 -17.40
C VAL A 185 3.99 -13.44 -16.61
N VAL A 186 4.21 -14.54 -17.33
CA VAL A 186 4.80 -15.73 -16.73
C VAL A 186 6.09 -16.08 -17.46
N THR A 187 7.12 -16.47 -16.71
CA THR A 187 8.40 -16.91 -17.27
C THR A 187 8.65 -18.36 -16.93
N CYS A 200 -4.66 -17.08 -17.67
CA CYS A 200 -4.76 -16.00 -16.69
C CYS A 200 -6.19 -15.78 -16.21
N ASN A 201 -6.36 -15.60 -14.91
CA ASN A 201 -7.67 -15.33 -14.31
C ASN A 201 -7.72 -13.90 -13.81
N VAL A 202 -8.29 -13.03 -14.64
CA VAL A 202 -8.39 -11.60 -14.35
C VAL A 202 -9.69 -11.29 -13.60
N ASP A 203 -9.57 -10.51 -12.53
CA ASP A 203 -10.71 -10.17 -11.68
C ASP A 203 -10.79 -8.66 -11.47
N HIS A 204 -11.90 -8.06 -11.88
CA HIS A 204 -12.13 -6.64 -11.63
C HIS A 204 -13.41 -6.47 -10.84
N LYS A 205 -13.28 -6.54 -9.52
CA LYS A 205 -14.43 -6.49 -8.60
C LYS A 205 -15.34 -5.27 -8.76
N PRO A 206 -14.78 -4.04 -8.97
CA PRO A 206 -15.64 -2.86 -9.15
C PRO A 206 -16.63 -2.92 -10.32
N SER A 207 -16.30 -3.73 -11.33
CA SER A 207 -17.23 -3.96 -12.44
C SER A 207 -17.77 -5.40 -12.42
N ASN A 208 -17.28 -6.18 -11.46
CA ASN A 208 -17.66 -7.59 -11.28
C ASN A 208 -17.37 -8.46 -12.52
N THR A 209 -16.14 -8.35 -13.02
CA THR A 209 -15.72 -9.03 -14.24
C THR A 209 -14.61 -10.03 -13.94
N LYS A 210 -14.78 -11.24 -14.45
CA LYS A 210 -13.76 -12.29 -14.33
C LYS A 210 -13.41 -12.87 -15.70
N VAL A 211 -12.15 -12.68 -16.10
CA VAL A 211 -11.67 -13.17 -17.39
C VAL A 211 -10.56 -14.19 -17.18
N GLU B 3 3.37 17.19 14.85
CA GLU B 3 2.63 16.17 15.65
C GLU B 3 3.59 15.14 16.26
N LEU B 4 3.74 13.98 15.61
CA LEU B 4 4.91 13.14 15.85
C LEU B 4 5.83 13.29 14.63
N THR B 5 7.10 13.58 14.87
CA THR B 5 8.02 13.85 13.78
C THR B 5 9.08 12.75 13.68
N GLN B 6 9.23 12.21 12.47
CA GLN B 6 10.29 11.24 12.18
C GLN B 6 11.15 11.73 11.03
N PRO B 7 12.44 11.33 11.01
CA PRO B 7 13.20 11.64 9.79
C PRO B 7 12.53 10.95 8.61
N PRO B 8 12.54 11.58 7.42
CA PRO B 8 11.84 10.97 6.28
C PRO B 8 12.57 9.74 5.75
N SER B 9 13.88 9.66 6.01
CA SER B 9 14.74 8.65 5.41
C SER B 9 15.71 8.07 6.42
N ALA B 10 16.01 6.78 6.28
CA ALA B 10 17.12 6.12 6.99
C ALA B 10 17.76 5.09 6.04
N SER B 11 19.01 4.72 6.29
CA SER B 11 19.59 3.61 5.55
C SER B 11 20.51 2.80 6.43
N GLY B 12 20.66 1.53 6.09
CA GLY B 12 21.49 0.66 6.89
C GLY B 12 22.14 -0.38 6.02
N THR B 13 23.12 -1.05 6.59
CA THR B 13 23.91 -2.07 5.91
C THR B 13 23.52 -3.46 6.40
N PRO B 14 23.33 -4.42 5.48
CA PRO B 14 23.07 -5.78 5.93
C PRO B 14 24.02 -6.26 7.05
N GLY B 15 23.46 -6.87 8.10
CA GLY B 15 24.26 -7.38 9.20
C GLY B 15 24.48 -6.36 10.31
N GLN B 16 24.16 -5.11 10.02
CA GLN B 16 24.45 -4.03 10.94
C GLN B 16 23.16 -3.53 11.58
N ARG B 17 23.23 -2.36 12.21
CA ARG B 17 22.09 -1.79 12.95
C ARG B 17 21.62 -0.48 12.36
N VAL B 18 20.35 -0.17 12.59
CA VAL B 18 19.78 1.16 12.32
C VAL B 18 18.89 1.59 13.50
N THR B 19 18.77 2.90 13.68
CA THR B 19 17.87 3.49 14.67
C THR B 19 16.96 4.49 13.97
N ILE B 20 15.68 4.45 14.32
CA ILE B 20 14.70 5.37 13.75
C ILE B 20 14.06 6.15 14.90
N SER B 21 14.13 7.47 14.84
CA SER B 21 13.66 8.33 15.90
C SER B 21 12.24 8.84 15.68
N CYS B 22 11.61 9.23 16.78
CA CYS B 22 10.24 9.72 16.78
C CYS B 22 10.13 10.75 17.91
N SER B 23 9.84 11.98 17.55
CA SER B 23 9.83 13.07 18.53
C SER B 23 8.43 13.60 18.70
N GLY B 24 7.98 13.68 19.96
CA GLY B 24 6.64 14.15 20.26
C GLY B 24 6.64 15.22 21.34
N SER B 25 5.62 15.17 22.21
CA SER B 25 5.45 16.15 23.27
C SER B 25 5.06 15.47 24.58
N SER B 26 4.90 16.25 25.64
CA SER B 26 4.47 15.73 26.95
C SER B 26 3.10 15.07 26.91
N SER B 27 2.20 15.61 26.08
CA SER B 27 0.83 15.10 25.96
C SER B 27 0.73 13.77 25.21
N ASN B 28 1.73 13.43 24.41
CA ASN B 28 1.73 12.14 23.71
C ASN B 28 2.82 11.19 24.21
N ILE B 29 3.99 11.18 23.56
CA ILE B 29 5.13 10.33 23.94
C ILE B 29 5.51 10.51 25.43
N GLY B 30 5.46 11.74 25.92
CA GLY B 30 5.76 12.02 27.33
C GLY B 30 4.89 11.29 28.35
N SER B 31 3.63 11.01 28.00
CA SER B 31 2.72 10.42 28.99
C SER B 31 1.95 9.18 28.55
N ASN B 32 2.24 8.68 27.34
CA ASN B 32 1.52 7.54 26.78
C ASN B 32 2.45 6.54 26.09
N TYR B 33 1.95 5.32 25.90
CA TYR B 33 2.76 4.26 25.29
C TYR B 33 3.02 4.56 23.82
N VAL B 34 4.25 4.27 23.37
CA VAL B 34 4.59 4.40 21.97
C VAL B 34 4.48 3.04 21.25
N TYR B 35 3.92 3.08 20.05
CA TYR B 35 3.76 1.93 19.17
C TYR B 35 4.63 2.14 17.92
N TRP B 36 5.14 1.04 17.37
CA TRP B 36 5.93 1.11 16.14
C TRP B 36 5.40 0.12 15.13
N TYR B 37 5.35 0.56 13.87
CA TYR B 37 4.87 -0.24 12.73
C TYR B 37 5.92 -0.37 11.64
N GLN B 38 5.93 -1.53 11.00
CA GLN B 38 6.63 -1.76 9.75
C GLN B 38 5.55 -1.86 8.66
N GLN B 39 5.74 -1.13 7.57
CA GLN B 39 4.83 -1.28 6.44
C GLN B 39 5.57 -1.51 5.14
N LEU B 40 5.37 -2.68 4.55
CA LEU B 40 5.85 -2.96 3.20
C LEU B 40 4.86 -2.36 2.21
N PRO B 41 5.35 -1.95 1.02
CA PRO B 41 4.44 -1.32 0.06
C PRO B 41 3.28 -2.23 -0.30
N GLY B 42 2.07 -1.67 -0.29
CA GLY B 42 0.88 -2.43 -0.69
C GLY B 42 0.45 -3.53 0.27
N THR B 43 0.87 -3.43 1.53
CA THR B 43 0.38 -4.31 2.59
C THR B 43 0.05 -3.49 3.85
N ALA B 44 -0.80 -4.04 4.70
CA ALA B 44 -1.16 -3.43 5.97
C ALA B 44 0.06 -3.20 6.85
N PRO B 45 0.07 -2.10 7.63
CA PRO B 45 1.08 -1.98 8.68
C PRO B 45 1.09 -3.22 9.61
N LYS B 46 2.27 -3.57 10.14
CA LYS B 46 2.42 -4.65 11.11
C LYS B 46 3.00 -4.06 12.38
N LEU B 47 2.35 -4.33 13.52
CA LEU B 47 2.82 -3.83 14.82
C LEU B 47 4.09 -4.55 15.28
N LEU B 48 5.13 -3.78 15.54
CA LEU B 48 6.45 -4.31 15.96
C LEU B 48 6.70 -4.16 17.45
N ILE B 49 6.19 -3.07 18.02
CA ILE B 49 6.45 -2.64 19.39
C ILE B 49 5.16 -2.02 19.98
N TYR B 50 4.83 -2.42 21.21
CA TYR B 50 3.78 -1.76 21.96
C TYR B 50 4.33 -1.46 23.35
N ARG B 51 3.59 -0.68 24.13
CA ARG B 51 4.01 -0.32 25.48
C ARG B 51 5.48 0.17 25.52
N ASN B 52 5.84 1.04 24.57
CA ASN B 52 7.21 1.62 24.47
C ASN B 52 8.31 0.65 24.02
N ASN B 53 8.30 -0.56 24.55
CA ASN B 53 9.48 -1.40 24.44
C ASN B 53 9.20 -2.91 24.40
N GLN B 54 7.93 -3.28 24.21
CA GLN B 54 7.53 -4.67 24.20
C GLN B 54 7.24 -5.15 22.79
N ARG B 55 7.61 -6.39 22.50
CA ARG B 55 7.33 -7.00 21.21
CA ARG B 55 7.33 -7.00 21.21
C ARG B 55 6.10 -7.90 21.25
N PRO B 56 5.15 -7.68 20.30
CA PRO B 56 4.07 -8.65 20.15
C PRO B 56 4.62 -10.04 19.86
N SER B 57 3.90 -11.07 20.25
CA SER B 57 4.23 -12.44 19.88
C SER B 57 4.49 -12.52 18.38
N GLY B 58 5.56 -13.23 18.00
CA GLY B 58 5.90 -13.44 16.58
C GLY B 58 6.86 -12.42 15.94
N VAL B 59 7.10 -11.31 16.63
CA VAL B 59 8.00 -10.28 16.11
C VAL B 59 9.44 -10.63 16.51
N PRO B 60 10.38 -10.65 15.55
CA PRO B 60 11.79 -11.03 15.83
C PRO B 60 12.42 -10.08 16.84
N ASP B 61 13.28 -10.60 17.72
CA ASP B 61 13.91 -9.77 18.74
C ASP B 61 15.01 -8.86 18.16
N ARG B 62 15.13 -8.86 16.84
CA ARG B 62 15.98 -7.89 16.14
C ARG B 62 15.39 -6.48 16.27
N PHE B 63 14.09 -6.39 16.54
CA PHE B 63 13.44 -5.09 16.73
C PHE B 63 13.33 -4.75 18.19
N SER B 64 13.77 -3.56 18.58
CA SER B 64 13.63 -3.15 19.97
C SER B 64 13.22 -1.70 19.99
N GLY B 65 12.58 -1.30 21.07
CA GLY B 65 12.11 0.07 21.19
C GLY B 65 12.44 0.68 22.53
N SER B 66 12.59 1.99 22.57
CA SER B 66 12.80 2.66 23.84
C SER B 66 12.23 4.06 23.77
N LYS B 67 12.16 4.73 24.92
CA LYS B 67 11.56 6.05 24.99
C LYS B 67 12.13 6.79 26.17
N SER B 68 12.61 8.00 25.91
CA SER B 68 13.15 8.90 26.93
C SER B 68 12.49 10.26 26.82
N GLY B 69 11.84 10.68 27.90
CA GLY B 69 11.12 11.95 27.92
C GLY B 69 10.11 11.97 26.79
N THR B 70 10.29 12.90 25.84
CA THR B 70 9.32 13.12 24.75
C THR B 70 9.80 12.56 23.40
N SER B 71 10.83 11.72 23.45
CA SER B 71 11.38 11.09 22.26
C SER B 71 11.34 9.56 22.39
N ALA B 72 11.17 8.88 21.25
CA ALA B 72 11.19 7.42 21.19
C ALA B 72 12.03 6.95 20.01
N SER B 73 12.55 5.73 20.07
CA SER B 73 13.43 5.20 19.02
C SER B 73 13.17 3.72 18.77
N LEU B 74 13.13 3.34 17.50
CA LEU B 74 13.09 1.96 17.09
C LEU B 74 14.48 1.55 16.65
N ALA B 75 14.98 0.48 17.24
CA ALA B 75 16.27 -0.06 16.88
C ALA B 75 16.11 -1.41 16.16
N ILE B 76 16.83 -1.58 15.06
CA ILE B 76 16.80 -2.85 14.31
C ILE B 76 18.24 -3.32 14.12
N SER B 77 18.54 -4.54 14.60
CA SER B 77 19.85 -5.18 14.43
C SER B 77 19.80 -6.32 13.39
N GLY B 78 20.97 -6.86 13.05
CA GLY B 78 21.12 -7.91 12.04
C GLY B 78 20.31 -7.57 10.80
N LEU B 79 20.47 -6.36 10.28
CA LEU B 79 19.64 -5.89 9.16
C LEU B 79 19.70 -6.87 8.00
N ARG B 80 18.57 -7.04 7.32
CA ARG B 80 18.46 -7.85 6.13
C ARG B 80 17.76 -7.02 5.06
N SER B 81 17.97 -7.39 3.80
CA SER B 81 17.31 -6.72 2.66
C SER B 81 15.80 -6.59 2.83
N GLU B 82 15.14 -7.60 3.40
CA GLU B 82 13.68 -7.59 3.53
C GLU B 82 13.16 -6.59 4.55
N ASP B 83 14.06 -6.00 5.36
CA ASP B 83 13.73 -4.96 6.32
C ASP B 83 13.41 -3.64 5.63
N GLU B 84 13.75 -3.53 4.34
CA GLU B 84 13.46 -2.33 3.59
C GLU B 84 11.95 -2.11 3.55
N ALA B 85 11.52 -0.98 4.10
CA ALA B 85 10.12 -0.72 4.44
C ALA B 85 9.95 0.70 4.98
N ASP B 86 8.70 1.13 5.13
CA ASP B 86 8.34 2.36 5.86
C ASP B 86 8.04 2.01 7.32
N TYR B 87 8.60 2.78 8.27
CA TYR B 87 8.41 2.53 9.70
C TYR B 87 7.70 3.74 10.32
N TYR B 88 6.63 3.50 11.07
CA TYR B 88 5.85 4.58 11.71
C TYR B 88 5.77 4.44 13.21
N CYS B 89 5.84 5.56 13.91
CA CYS B 89 5.52 5.58 15.34
C CYS B 89 4.11 6.10 15.53
N ALA B 90 3.48 5.74 16.66
CA ALA B 90 2.13 6.19 16.95
C ALA B 90 1.93 6.25 18.46
N ALA B 91 1.07 7.16 18.88
CA ALA B 91 0.74 7.27 20.29
C ALA B 91 -0.56 8.02 20.51
N TRP B 92 -1.20 7.75 21.65
CA TRP B 92 -2.34 8.54 22.10
C TRP B 92 -1.85 9.92 22.58
N ASP B 93 -2.62 10.95 22.25
CA ASP B 93 -2.32 12.31 22.67
C ASP B 93 -3.44 12.85 23.55
N ASP B 94 -3.06 13.20 24.78
CA ASP B 94 -3.99 13.63 25.84
C ASP B 94 -4.68 14.96 25.58
N SER B 95 -3.95 15.90 25.00
CA SER B 95 -4.50 17.24 24.81
C SER B 95 -5.48 17.23 23.63
N LEU B 96 -5.25 16.32 22.68
CA LEU B 96 -6.09 16.23 21.50
C LEU B 96 -7.21 15.18 21.62
N SER B 97 -7.04 14.22 22.54
CA SER B 97 -7.90 13.03 22.60
C SER B 97 -7.97 12.35 21.22
N ALA B 98 -6.79 12.01 20.71
CA ALA B 98 -6.64 11.45 19.36
C ALA B 98 -5.43 10.53 19.28
N TRP B 99 -5.50 9.55 18.38
CA TRP B 99 -4.33 8.77 18.01
C TRP B 99 -3.55 9.60 16.98
N VAL B 100 -2.25 9.73 17.21
CA VAL B 100 -1.37 10.48 16.31
C VAL B 100 -0.29 9.55 15.73
N PHE B 101 0.04 9.73 14.46
CA PHE B 101 1.05 8.93 13.79
C PHE B 101 2.21 9.81 13.36
N GLY B 102 3.42 9.27 13.40
CA GLY B 102 4.58 9.91 12.78
C GLY B 102 4.42 9.90 11.27
N GLY B 103 5.19 10.73 10.57
CA GLY B 103 5.12 10.78 9.11
C GLY B 103 5.69 9.56 8.41
N GLY B 104 6.41 8.72 9.16
CA GLY B 104 7.08 7.56 8.58
C GLY B 104 8.51 7.81 8.18
N THR B 105 9.33 6.79 8.35
CA THR B 105 10.71 6.77 7.89
C THR B 105 10.91 5.64 6.89
N GLN B 106 11.30 5.99 5.66
CA GLN B 106 11.59 5.01 4.62
C GLN B 106 12.99 4.49 4.89
N LEU B 107 13.06 3.22 5.28
CA LEU B 107 14.34 2.57 5.51
C LEU B 107 14.83 1.87 4.22
N ASP B 108 15.99 2.31 3.73
CA ASP B 108 16.57 1.65 2.57
C ASP B 108 17.72 0.77 3.05
N ILE B 109 17.87 -0.40 2.44
CA ILE B 109 18.98 -1.28 2.81
C ILE B 109 20.06 -1.25 1.73
N LEU B 110 21.26 -0.80 2.11
CA LEU B 110 22.36 -0.62 1.15
C LEU B 110 22.99 -1.94 0.71
N GLY B 111 23.90 -1.87 -0.27
CA GLY B 111 24.67 -3.02 -0.69
C GLY B 111 24.12 -3.79 -1.89
N GLN B 112 23.06 -3.29 -2.48
CA GLN B 112 22.50 -3.92 -3.67
C GLN B 112 23.39 -3.65 -4.89
N PRO B 113 23.74 -4.72 -5.65
CA PRO B 113 24.57 -4.54 -6.85
C PRO B 113 23.75 -3.95 -8.00
N LYS B 114 24.44 -3.33 -8.96
CA LYS B 114 23.76 -2.81 -10.12
C LYS B 114 23.26 -3.96 -10.98
N ALA B 115 22.06 -3.79 -11.52
CA ALA B 115 21.42 -4.83 -12.32
C ALA B 115 20.76 -4.21 -13.54
N ALA B 116 21.08 -4.77 -14.70
CA ALA B 116 20.47 -4.37 -15.96
C ALA B 116 19.02 -4.85 -16.03
N PRO B 117 18.14 -4.07 -16.67
CA PRO B 117 16.74 -4.45 -16.83
C PRO B 117 16.53 -5.67 -17.71
N SER B 118 15.60 -6.53 -17.29
CA SER B 118 15.06 -7.58 -18.15
C SER B 118 13.93 -6.94 -18.97
N VAL B 119 14.00 -7.05 -20.29
CA VAL B 119 13.03 -6.39 -21.16
C VAL B 119 12.28 -7.37 -22.08
N THR B 120 10.96 -7.27 -22.08
CA THR B 120 10.10 -8.10 -22.94
C THR B 120 9.08 -7.24 -23.68
N LEU B 121 9.10 -7.31 -25.01
CA LEU B 121 8.17 -6.56 -25.84
C LEU B 121 7.18 -7.50 -26.52
N PHE B 122 5.90 -7.27 -26.27
CA PHE B 122 4.84 -8.03 -26.91
C PHE B 122 4.16 -7.25 -28.03
N PRO B 123 3.95 -7.90 -29.20
CA PRO B 123 3.18 -7.34 -30.30
C PRO B 123 1.68 -7.31 -29.97
N PRO B 124 0.86 -6.63 -30.80
CA PRO B 124 -0.60 -6.74 -30.63
C PRO B 124 -1.07 -8.15 -30.96
N SER B 125 -2.09 -8.62 -30.24
CA SER B 125 -2.63 -9.97 -30.47
C SER B 125 -3.53 -10.06 -31.70
N PRO B 132 -9.64 -4.78 -33.71
CA PRO B 132 -10.24 -3.48 -33.40
C PRO B 132 -9.20 -2.42 -33.02
N LYS B 133 -8.21 -2.81 -32.21
CA LYS B 133 -7.18 -1.87 -31.75
C LYS B 133 -5.79 -2.50 -31.84
N ALA B 134 -4.79 -1.78 -31.32
CA ALA B 134 -3.40 -2.24 -31.32
C ALA B 134 -2.59 -1.58 -30.21
N THR B 135 -2.09 -2.41 -29.29
CA THR B 135 -1.26 -1.94 -28.19
C THR B 135 0.07 -2.70 -28.10
N LEU B 136 1.18 -1.98 -28.17
CA LEU B 136 2.50 -2.56 -28.00
C LEU B 136 2.93 -2.44 -26.54
N VAL B 137 3.21 -3.58 -25.91
CA VAL B 137 3.48 -3.64 -24.47
C VAL B 137 4.94 -3.97 -24.18
N CYS B 138 5.67 -2.98 -23.69
CA CYS B 138 7.05 -3.15 -23.30
C CYS B 138 7.14 -3.31 -21.78
N LEU B 139 7.71 -4.43 -21.34
CA LEU B 139 7.75 -4.73 -19.90
C LEU B 139 9.17 -4.84 -19.39
N ILE B 140 9.47 -4.03 -18.38
CA ILE B 140 10.83 -3.81 -17.90
C ILE B 140 10.90 -4.24 -16.43
N SER B 141 11.76 -5.20 -16.11
CA SER B 141 11.80 -5.72 -14.74
C SER B 141 13.22 -6.00 -14.21
N ASP B 142 13.31 -6.20 -12.90
CA ASP B 142 14.55 -6.60 -12.21
C ASP B 142 15.76 -5.67 -12.37
N PHE B 143 15.53 -4.36 -12.39
CA PHE B 143 16.64 -3.40 -12.51
C PHE B 143 16.94 -2.65 -11.21
N TYR B 144 18.19 -2.23 -11.07
CA TYR B 144 18.66 -1.44 -9.92
C TYR B 144 19.88 -0.60 -10.32
N PRO B 145 19.89 0.70 -9.95
CA PRO B 145 18.88 1.48 -9.20
C PRO B 145 17.58 1.72 -9.98
N GLY B 146 16.58 2.30 -9.30
CA GLY B 146 15.23 2.44 -9.86
C GLY B 146 14.95 3.59 -10.80
N ALA B 147 15.75 3.70 -11.86
CA ALA B 147 15.53 4.70 -12.91
C ALA B 147 15.83 4.11 -14.29
N VAL B 148 14.96 4.40 -15.24
CA VAL B 148 15.12 4.00 -16.63
C VAL B 148 14.59 5.07 -17.56
N THR B 149 14.99 5.00 -18.82
CA THR B 149 14.44 5.86 -19.88
C THR B 149 13.98 4.95 -21.02
N VAL B 150 12.79 5.22 -21.54
CA VAL B 150 12.19 4.41 -22.60
C VAL B 150 11.90 5.23 -23.85
N ALA B 151 12.31 4.71 -25.00
CA ALA B 151 12.07 5.38 -26.28
C ALA B 151 11.66 4.38 -27.36
N ALA B 161 4.37 9.86 -30.29
CA ALA B 161 2.93 9.98 -30.11
C ALA B 161 2.30 8.63 -29.70
N GLY B 162 1.49 8.68 -28.65
CA GLY B 162 0.80 7.49 -28.14
C GLY B 162 1.58 6.66 -27.13
N VAL B 163 2.67 7.23 -26.61
CA VAL B 163 3.48 6.55 -25.58
C VAL B 163 3.00 6.93 -24.18
N GLU B 164 2.72 5.92 -23.35
CA GLU B 164 2.41 6.12 -21.94
C GLU B 164 3.32 5.19 -21.14
N THR B 165 4.18 5.78 -20.30
CA THR B 165 5.17 5.01 -19.54
C THR B 165 4.97 5.21 -18.05
N THR B 166 4.91 4.11 -17.30
CA THR B 166 4.74 4.17 -15.84
C THR B 166 5.99 4.70 -15.15
N THR B 167 5.80 5.24 -13.95
CA THR B 167 6.92 5.55 -13.07
C THR B 167 7.54 4.25 -12.57
N PRO B 168 8.83 4.29 -12.17
CA PRO B 168 9.44 3.11 -11.58
C PRO B 168 8.81 2.78 -10.24
N SER B 169 8.46 1.51 -10.05
CA SER B 169 7.91 1.05 -8.78
C SER B 169 8.83 -0.02 -8.21
N LYS B 170 9.01 0.01 -6.91
CA LYS B 170 9.82 -0.99 -6.22
C LYS B 170 9.13 -2.34 -6.27
N GLN B 171 9.88 -3.37 -6.67
CA GLN B 171 9.40 -4.74 -6.63
C GLN B 171 9.53 -5.29 -5.22
N SER B 172 8.88 -6.42 -4.97
CA SER B 172 8.94 -7.04 -3.64
C SER B 172 10.35 -7.55 -3.30
N ASN B 173 11.17 -7.79 -4.32
CA ASN B 173 12.57 -8.16 -4.10
C ASN B 173 13.50 -6.93 -3.99
N ASN B 174 12.89 -5.74 -3.97
CA ASN B 174 13.58 -4.45 -3.80
C ASN B 174 14.40 -3.99 -5.00
N LYS B 175 14.25 -4.69 -6.12
CA LYS B 175 14.66 -4.19 -7.42
C LYS B 175 13.49 -3.38 -7.97
N TYR B 176 13.56 -2.97 -9.24
CA TYR B 176 12.53 -2.11 -9.79
C TYR B 176 11.86 -2.64 -11.06
N ALA B 177 10.70 -2.08 -11.37
CA ALA B 177 9.95 -2.46 -12.55
C ALA B 177 9.26 -1.24 -13.14
N ALA B 178 8.99 -1.33 -14.44
CA ALA B 178 8.22 -0.32 -15.16
C ALA B 178 7.64 -0.95 -16.41
N SER B 179 6.62 -0.31 -16.96
CA SER B 179 5.99 -0.79 -18.18
C SER B 179 5.71 0.39 -19.09
N SER B 180 5.89 0.19 -20.39
CA SER B 180 5.58 1.20 -21.36
C SER B 180 4.59 0.66 -22.38
N TYR B 181 3.66 1.53 -22.78
CA TYR B 181 2.55 1.19 -23.64
C TYR B 181 2.47 2.17 -24.80
N LEU B 182 2.63 1.65 -26.02
CA LEU B 182 2.45 2.46 -27.22
C LEU B 182 1.13 2.11 -27.90
N SER B 183 0.23 3.08 -27.94
CA SER B 183 -1.09 2.90 -28.54
C SER B 183 -1.07 3.36 -29.98
N LEU B 184 -1.52 2.47 -30.87
CA LEU B 184 -1.61 2.77 -32.29
C LEU B 184 -2.91 2.20 -32.87
N THR B 185 -3.31 2.73 -34.01
CA THR B 185 -4.40 2.15 -34.79
C THR B 185 -3.85 0.92 -35.52
N PRO B 186 -4.72 -0.07 -35.84
CA PRO B 186 -4.25 -1.27 -36.57
C PRO B 186 -3.70 -0.93 -37.96
N GLU B 187 -4.11 0.22 -38.50
CA GLU B 187 -3.63 0.70 -39.78
C GLU B 187 -2.19 1.25 -39.68
N GLN B 188 -1.90 1.92 -38.56
CA GLN B 188 -0.53 2.37 -38.24
C GLN B 188 0.44 1.20 -38.07
N TRP B 189 -0.01 0.14 -37.41
CA TRP B 189 0.77 -1.07 -37.20
C TRP B 189 0.92 -1.87 -38.49
N SER B 194 8.74 -2.55 -38.80
CA SER B 194 8.67 -3.01 -37.41
C SER B 194 8.69 -1.85 -36.41
N TYR B 195 8.51 -2.18 -35.13
CA TYR B 195 8.53 -1.22 -34.02
C TYR B 195 9.51 -1.67 -32.95
N SER B 196 10.07 -0.69 -32.23
CA SER B 196 11.12 -0.97 -31.24
C SER B 196 10.92 -0.25 -29.91
N CYS B 197 11.20 -0.97 -28.82
CA CYS B 197 11.27 -0.40 -27.47
C CYS B 197 12.74 -0.35 -27.03
N GLN B 198 13.23 0.87 -26.77
CA GLN B 198 14.60 1.08 -26.32
C GLN B 198 14.62 1.42 -24.84
N VAL B 199 15.26 0.57 -24.04
CA VAL B 199 15.32 0.78 -22.60
C VAL B 199 16.74 1.12 -22.14
N THR B 200 16.90 2.32 -21.58
CA THR B 200 18.20 2.82 -21.13
C THR B 200 18.29 2.78 -19.61
N HIS B 201 19.40 2.23 -19.12
CA HIS B 201 19.65 2.13 -17.69
C HIS B 201 21.16 2.18 -17.45
N GLU B 202 21.61 3.23 -16.75
CA GLU B 202 23.03 3.47 -16.46
C GLU B 202 23.90 3.46 -17.72
N GLY B 203 23.47 4.20 -18.74
CA GLY B 203 24.21 4.32 -20.00
C GLY B 203 24.05 3.16 -20.97
N SER B 204 23.46 2.06 -20.49
CA SER B 204 23.29 0.84 -21.26
C SER B 204 21.87 0.73 -21.82
N THR B 205 21.77 0.58 -23.14
CA THR B 205 20.48 0.52 -23.82
C THR B 205 20.27 -0.81 -24.55
N VAL B 206 19.14 -1.46 -24.30
CA VAL B 206 18.74 -2.65 -25.05
C VAL B 206 17.45 -2.41 -25.85
N GLU B 207 17.45 -2.88 -27.09
CA GLU B 207 16.28 -2.82 -27.97
C GLU B 207 15.57 -4.15 -28.01
N LYS B 208 14.24 -4.11 -28.00
CA LYS B 208 13.43 -5.24 -28.40
C LYS B 208 12.62 -4.84 -29.62
N THR B 209 12.39 -5.77 -30.54
CA THR B 209 11.68 -5.48 -31.78
C THR B 209 10.62 -6.53 -32.12
#